data_1SP7
#
_entry.id   1SP7
#
_entity_poly.entity_id   1
_entity_poly.type   'polypeptide(L)'
_entity_poly.pdbx_seq_one_letter_code
;PCPPVCVAQCVPTCPQYCCPAKRK
;
_entity_poly.pdbx_strand_id   A
#
# COMPACT_ATOMS: atom_id res chain seq x y z
N PRO A 1 -3.98 10.00 -2.72
CA PRO A 1 -2.94 9.94 -1.66
C PRO A 1 -3.03 8.64 -0.87
N CYS A 2 -1.90 8.18 -0.32
CA CYS A 2 -1.85 6.91 0.39
C CYS A 2 -2.11 7.04 1.89
N PRO A 3 -3.15 6.37 2.40
CA PRO A 3 -3.50 6.35 3.82
C PRO A 3 -2.60 5.38 4.61
N PRO A 4 -2.42 5.67 5.91
CA PRO A 4 -1.55 4.88 6.79
C PRO A 4 -1.85 3.37 6.79
N VAL A 5 -3.10 2.99 6.52
CA VAL A 5 -3.44 1.58 6.51
C VAL A 5 -2.82 0.88 5.31
N CYS A 6 -2.54 1.65 4.27
CA CYS A 6 -1.91 1.10 3.06
C CYS A 6 -0.41 0.91 3.27
N VAL A 7 0.18 1.82 4.03
CA VAL A 7 1.60 1.78 4.32
C VAL A 7 1.92 0.57 5.18
N ALA A 8 1.07 0.32 6.16
CA ALA A 8 1.24 -0.79 7.05
C ALA A 8 0.62 -2.09 6.51
N GLN A 9 -0.37 -1.99 5.62
CA GLN A 9 -1.02 -3.18 5.08
C GLN A 9 -1.46 -2.98 3.64
N CYS A 10 -1.18 -3.97 2.81
CA CYS A 10 -1.56 -3.92 1.40
C CYS A 10 -2.97 -4.48 1.23
N VAL A 11 -3.97 -3.72 1.68
CA VAL A 11 -5.34 -4.15 1.59
C VAL A 11 -5.90 -3.92 0.19
N PRO A 12 -7.03 -4.54 -0.14
CA PRO A 12 -7.65 -4.45 -1.47
C PRO A 12 -8.19 -3.07 -1.80
N THR A 13 -8.47 -2.27 -0.77
CA THR A 13 -8.99 -0.93 -0.99
C THR A 13 -7.88 0.03 -1.33
N CYS A 14 -6.67 -0.34 -0.95
CA CYS A 14 -5.52 0.50 -1.18
C CYS A 14 -5.12 0.61 -2.64
N PRO A 15 -4.63 1.79 -3.05
CA PRO A 15 -4.13 2.02 -4.39
C PRO A 15 -2.88 1.19 -4.61
N GLN A 16 -2.83 0.51 -5.72
CA GLN A 16 -1.73 -0.38 -6.05
C GLN A 16 -0.40 0.33 -6.00
N TYR A 17 -0.38 1.58 -6.39
CA TYR A 17 0.86 2.34 -6.41
C TYR A 17 1.34 2.69 -5.02
N CYS A 18 0.48 2.58 -4.02
CA CYS A 18 0.91 2.90 -2.66
C CYS A 18 1.36 1.66 -1.90
N CYS A 19 0.98 0.48 -2.39
CA CYS A 19 1.36 -0.77 -1.73
C CYS A 19 2.88 -0.92 -1.71
N PRO A 20 3.49 -1.12 -0.53
CA PRO A 20 4.94 -1.26 -0.42
C PRO A 20 5.42 -2.65 -0.80
N ALA A 21 5.85 -2.78 -2.03
CA ALA A 21 6.35 -4.05 -2.53
C ALA A 21 7.76 -4.32 -2.02
N LYS A 22 7.86 -5.32 -1.16
CA LYS A 22 9.15 -5.70 -0.57
C LYS A 22 10.13 -6.20 -1.65
N ARG A 23 10.79 -5.26 -2.34
CA ARG A 23 11.75 -5.64 -3.39
C ARG A 23 12.44 -4.40 -3.94
N LYS A 24 13.52 -4.62 -4.70
CA LYS A 24 14.27 -3.51 -5.28
C LYS A 24 15.35 -4.04 -6.22
N PRO A 1 -4.25 10.12 -2.42
CA PRO A 1 -3.11 10.01 -1.46
C PRO A 1 -3.16 8.69 -0.69
N CYS A 2 -2.00 8.18 -0.26
CA CYS A 2 -1.93 6.92 0.44
C CYS A 2 -2.20 7.03 1.94
N PRO A 3 -3.23 6.33 2.43
CA PRO A 3 -3.57 6.30 3.86
C PRO A 3 -2.65 5.35 4.64
N PRO A 4 -2.46 5.61 5.94
CA PRO A 4 -1.57 4.82 6.82
C PRO A 4 -1.87 3.33 6.82
N VAL A 5 -3.12 2.93 6.54
CA VAL A 5 -3.44 1.52 6.54
C VAL A 5 -2.83 0.82 5.33
N CYS A 6 -2.56 1.59 4.29
CA CYS A 6 -1.93 1.05 3.09
C CYS A 6 -0.42 0.88 3.29
N VAL A 7 0.18 1.79 4.03
CA VAL A 7 1.59 1.77 4.30
C VAL A 7 1.92 0.57 5.17
N ALA A 8 1.08 0.33 6.15
CA ALA A 8 1.26 -0.79 7.05
C ALA A 8 0.64 -2.09 6.51
N GLN A 9 -0.36 -2.00 5.62
CA GLN A 9 -1.01 -3.20 5.10
C GLN A 9 -1.45 -3.02 3.65
N CYS A 10 -1.16 -4.01 2.83
CA CYS A 10 -1.56 -3.97 1.43
C CYS A 10 -2.96 -4.54 1.27
N VAL A 11 -3.96 -3.80 1.75
CA VAL A 11 -5.34 -4.23 1.65
C VAL A 11 -5.88 -4.00 0.25
N PRO A 12 -7.01 -4.63 -0.08
CA PRO A 12 -7.62 -4.53 -1.42
C PRO A 12 -8.14 -3.14 -1.75
N THR A 13 -8.45 -2.36 -0.73
CA THR A 13 -8.97 -1.02 -0.95
C THR A 13 -7.86 -0.05 -1.30
N CYS A 14 -6.64 -0.43 -0.93
CA CYS A 14 -5.49 0.42 -1.16
C CYS A 14 -5.07 0.53 -2.62
N PRO A 15 -4.59 1.73 -3.02
CA PRO A 15 -4.09 1.96 -4.37
C PRO A 15 -2.81 1.17 -4.57
N GLN A 16 -2.74 0.49 -5.70
CA GLN A 16 -1.60 -0.38 -6.02
C GLN A 16 -0.28 0.37 -5.95
N TYR A 17 -0.29 1.62 -6.33
CA TYR A 17 0.93 2.40 -6.33
C TYR A 17 1.40 2.74 -4.93
N CYS A 18 0.51 2.62 -3.95
CA CYS A 18 0.91 2.91 -2.58
C CYS A 18 1.34 1.66 -1.84
N CYS A 19 0.99 0.49 -2.36
CA CYS A 19 1.36 -0.76 -1.71
C CYS A 19 2.87 -0.95 -1.72
N PRO A 20 3.50 -1.17 -0.54
CA PRO A 20 4.94 -1.35 -0.47
C PRO A 20 5.35 -2.76 -0.85
N ALA A 21 5.74 -2.93 -2.10
CA ALA A 21 6.18 -4.21 -2.59
C ALA A 21 7.61 -4.50 -2.19
N LYS A 22 7.78 -5.46 -1.30
CA LYS A 22 9.10 -5.84 -0.81
C LYS A 22 9.90 -6.61 -1.88
N ARG A 23 10.46 -5.91 -2.86
CA ARG A 23 11.25 -6.57 -3.91
C ARG A 23 11.78 -5.55 -4.92
N LYS A 24 12.91 -5.88 -5.55
CA LYS A 24 13.52 -4.99 -6.53
C LYS A 24 14.78 -5.63 -7.12
N PRO A 1 -4.00 10.01 -2.68
CA PRO A 1 -2.98 9.94 -1.59
C PRO A 1 -3.07 8.61 -0.84
N CYS A 2 -1.94 8.17 -0.29
CA CYS A 2 -1.90 6.89 0.42
C CYS A 2 -2.17 7.02 1.92
N PRO A 3 -3.21 6.34 2.42
CA PRO A 3 -3.57 6.32 3.84
C PRO A 3 -2.65 5.37 4.64
N PRO A 4 -2.48 5.66 5.94
CA PRO A 4 -1.60 4.88 6.82
C PRO A 4 -1.88 3.38 6.83
N VAL A 5 -3.13 2.97 6.54
CA VAL A 5 -3.46 1.56 6.55
C VAL A 5 -2.84 0.86 5.34
N CYS A 6 -2.55 1.63 4.29
CA CYS A 6 -1.92 1.09 3.10
C CYS A 6 -0.42 0.90 3.30
N VAL A 7 0.18 1.82 4.07
CA VAL A 7 1.58 1.77 4.36
C VAL A 7 1.91 0.58 5.23
N ALA A 8 1.05 0.33 6.20
CA ALA A 8 1.22 -0.78 7.09
C ALA A 8 0.63 -2.09 6.54
N GLN A 9 -0.38 -2.00 5.66
CA GLN A 9 -1.00 -3.21 5.10
C GLN A 9 -1.43 -3.01 3.66
N CYS A 10 -1.17 -4.01 2.84
CA CYS A 10 -1.57 -3.97 1.45
C CYS A 10 -2.98 -4.53 1.30
N VAL A 11 -3.96 -3.77 1.76
CA VAL A 11 -5.35 -4.21 1.68
C VAL A 11 -5.90 -4.01 0.27
N PRO A 12 -7.05 -4.62 -0.03
CA PRO A 12 -7.66 -4.54 -1.36
C PRO A 12 -8.19 -3.17 -1.73
N THR A 13 -8.45 -2.33 -0.73
CA THR A 13 -8.96 -1.01 -0.99
C THR A 13 -7.84 -0.04 -1.35
N CYS A 14 -6.63 -0.40 -0.96
CA CYS A 14 -5.48 0.44 -1.19
C CYS A 14 -5.06 0.54 -2.65
N PRO A 15 -4.58 1.73 -3.05
CA PRO A 15 -4.07 1.96 -4.40
C PRO A 15 -2.80 1.15 -4.59
N GLN A 16 -2.73 0.47 -5.72
CA GLN A 16 -1.62 -0.41 -6.04
C GLN A 16 -0.29 0.31 -5.95
N TYR A 17 -0.27 1.57 -6.34
CA TYR A 17 0.96 2.32 -6.33
C TYR A 17 1.42 2.67 -4.93
N CYS A 18 0.55 2.56 -3.95
CA CYS A 18 0.94 2.88 -2.59
C CYS A 18 1.36 1.62 -1.83
N CYS A 19 0.97 0.45 -2.33
CA CYS A 19 1.33 -0.80 -1.67
C CYS A 19 2.84 -0.97 -1.65
N PRO A 20 3.44 -1.19 -0.47
CA PRO A 20 4.89 -1.34 -0.36
C PRO A 20 5.37 -2.72 -0.78
N ALA A 21 5.75 -2.80 -2.04
CA ALA A 21 6.27 -4.03 -2.62
C ALA A 21 7.78 -4.02 -2.65
N LYS A 22 8.38 -4.92 -1.88
CA LYS A 22 9.84 -5.01 -1.82
C LYS A 22 10.42 -5.59 -3.12
N ARG A 23 10.52 -4.74 -4.17
CA ARG A 23 11.05 -5.19 -5.46
C ARG A 23 10.89 -4.09 -6.51
N LYS A 24 11.79 -4.06 -7.47
CA LYS A 24 11.74 -3.05 -8.55
C LYS A 24 12.98 -3.14 -9.44
N PRO A 1 -4.01 9.91 -2.76
CA PRO A 1 -2.92 9.85 -1.74
C PRO A 1 -2.99 8.57 -0.93
N CYS A 2 -1.85 8.10 -0.42
CA CYS A 2 -1.80 6.84 0.32
C CYS A 2 -2.05 7.02 1.82
N PRO A 3 -3.11 6.36 2.33
CA PRO A 3 -3.44 6.38 3.75
C PRO A 3 -2.55 5.43 4.56
N PRO A 4 -2.37 5.71 5.86
CA PRO A 4 -1.50 4.94 6.75
C PRO A 4 -1.82 3.44 6.78
N VAL A 5 -3.07 3.05 6.52
CA VAL A 5 -3.42 1.65 6.54
C VAL A 5 -2.83 0.92 5.34
N CYS A 6 -2.55 1.66 4.28
CA CYS A 6 -1.94 1.09 3.09
C CYS A 6 -0.44 0.91 3.29
N VAL A 7 0.17 1.82 4.04
CA VAL A 7 1.59 1.78 4.32
C VAL A 7 1.91 0.59 5.20
N ALA A 8 1.06 0.38 6.19
CA ALA A 8 1.23 -0.72 7.11
C ALA A 8 0.60 -2.02 6.58
N GLN A 9 -0.39 -1.93 5.68
CA GLN A 9 -1.05 -3.13 5.18
C GLN A 9 -1.51 -2.97 3.74
N CYS A 10 -1.22 -3.97 2.92
CA CYS A 10 -1.62 -3.95 1.53
C CYS A 10 -3.03 -4.52 1.39
N VAL A 11 -4.03 -3.75 1.82
CA VAL A 11 -5.41 -4.18 1.77
C VAL A 11 -5.98 -3.98 0.37
N PRO A 12 -7.13 -4.61 0.08
CA PRO A 12 -7.77 -4.54 -1.24
C PRO A 12 -8.30 -3.16 -1.59
N THR A 13 -8.57 -2.34 -0.59
CA THR A 13 -9.09 -1.01 -0.84
C THR A 13 -7.97 -0.06 -1.21
N CYS A 14 -6.76 -0.42 -0.85
CA CYS A 14 -5.60 0.41 -1.11
C CYS A 14 -5.19 0.46 -2.57
N PRO A 15 -4.69 1.63 -3.01
CA PRO A 15 -4.19 1.80 -4.38
C PRO A 15 -2.92 0.99 -4.55
N GLN A 16 -2.86 0.27 -5.65
CA GLN A 16 -1.74 -0.61 -5.95
C GLN A 16 -0.41 0.10 -5.90
N TYR A 17 -0.40 1.34 -6.34
CA TYR A 17 0.83 2.10 -6.38
C TYR A 17 1.30 2.49 -4.99
N CYS A 18 0.43 2.40 -4.00
CA CYS A 18 0.84 2.75 -2.66
C CYS A 18 1.29 1.51 -1.89
N CYS A 19 0.90 0.33 -2.38
CA CYS A 19 1.28 -0.91 -1.70
C CYS A 19 2.80 -1.06 -1.69
N PRO A 20 3.41 -1.23 -0.50
CA PRO A 20 4.86 -1.36 -0.40
C PRO A 20 5.36 -2.75 -0.74
N ALA A 21 5.79 -2.90 -1.99
CA ALA A 21 6.31 -4.18 -2.46
C ALA A 21 7.77 -4.33 -2.07
N LYS A 22 8.02 -5.28 -1.19
CA LYS A 22 9.40 -5.53 -0.71
C LYS A 22 10.26 -6.16 -1.82
N ARG A 23 10.78 -5.33 -2.73
CA ARG A 23 11.62 -5.82 -3.82
C ARG A 23 12.10 -4.66 -4.70
N LYS A 24 13.15 -4.92 -5.48
CA LYS A 24 13.71 -3.90 -6.38
C LYS A 24 14.88 -4.46 -7.18
N PRO A 1 -4.18 10.08 -2.55
CA PRO A 1 -3.09 10.00 -1.55
C PRO A 1 -3.14 8.68 -0.77
N CYS A 2 -1.98 8.20 -0.32
CA CYS A 2 -1.92 6.93 0.39
C CYS A 2 -2.17 7.06 1.89
N PRO A 3 -3.21 6.38 2.39
CA PRO A 3 -3.55 6.36 3.82
C PRO A 3 -2.64 5.42 4.62
N PRO A 4 -2.47 5.69 5.92
CA PRO A 4 -1.59 4.91 6.81
C PRO A 4 -1.87 3.41 6.81
N VAL A 5 -3.12 3.01 6.53
CA VAL A 5 -3.44 1.60 6.53
C VAL A 5 -2.82 0.90 5.33
N CYS A 6 -2.55 1.67 4.28
CA CYS A 6 -1.92 1.12 3.07
C CYS A 6 -0.42 0.96 3.27
N VAL A 7 0.19 1.88 4.03
CA VAL A 7 1.59 1.85 4.32
C VAL A 7 1.93 0.66 5.19
N ALA A 8 1.09 0.41 6.17
CA ALA A 8 1.27 -0.70 7.07
C ALA A 8 0.67 -2.01 6.53
N GLN A 9 -0.32 -1.92 5.65
CA GLN A 9 -0.96 -3.13 5.13
C GLN A 9 -1.42 -2.96 3.69
N CYS A 10 -1.14 -3.95 2.87
CA CYS A 10 -1.56 -3.92 1.47
C CYS A 10 -2.96 -4.49 1.32
N VAL A 11 -3.96 -3.73 1.76
CA VAL A 11 -5.34 -4.17 1.66
C VAL A 11 -5.86 -3.96 0.25
N PRO A 12 -6.98 -4.60 -0.11
CA PRO A 12 -7.53 -4.52 -1.47
C PRO A 12 -8.12 -3.15 -1.80
N THR A 13 -8.42 -2.36 -0.77
CA THR A 13 -8.98 -1.04 -1.01
C THR A 13 -7.88 -0.04 -1.35
N CYS A 14 -6.67 -0.38 -0.96
CA CYS A 14 -5.53 0.49 -1.19
C CYS A 14 -5.11 0.59 -2.65
N PRO A 15 -4.62 1.77 -3.06
CA PRO A 15 -4.12 2.00 -4.41
C PRO A 15 -2.84 1.19 -4.60
N GLN A 16 -2.78 0.50 -5.73
CA GLN A 16 -1.66 -0.37 -6.04
C GLN A 16 -0.32 0.36 -5.97
N TYR A 17 -0.32 1.61 -6.37
CA TYR A 17 0.91 2.38 -6.37
C TYR A 17 1.38 2.72 -4.97
N CYS A 18 0.51 2.61 -3.99
CA CYS A 18 0.91 2.91 -2.63
C CYS A 18 1.34 1.67 -1.87
N CYS A 19 0.98 0.49 -2.39
CA CYS A 19 1.34 -0.77 -1.72
C CYS A 19 2.85 -0.96 -1.72
N PRO A 20 3.47 -1.17 -0.54
CA PRO A 20 4.90 -1.37 -0.45
C PRO A 20 5.32 -2.79 -0.81
N ALA A 21 5.73 -2.96 -2.05
CA ALA A 21 6.16 -4.27 -2.53
C ALA A 21 7.47 -4.70 -1.88
N LYS A 22 7.36 -5.71 -1.05
CA LYS A 22 8.49 -6.26 -0.31
C LYS A 22 9.63 -6.69 -1.25
N ARG A 23 10.48 -5.72 -1.64
CA ARG A 23 11.59 -6.03 -2.52
C ARG A 23 12.48 -4.81 -2.74
N LYS A 24 13.77 -5.05 -2.91
CA LYS A 24 14.74 -3.97 -3.13
C LYS A 24 16.17 -4.53 -3.19
N PRO A 1 -3.93 9.85 -2.84
CA PRO A 1 -2.98 9.86 -1.71
C PRO A 1 -3.01 8.54 -0.93
N CYS A 2 -1.90 8.17 -0.31
CA CYS A 2 -1.82 6.91 0.41
C CYS A 2 -2.08 7.04 1.92
N PRO A 3 -3.13 6.38 2.42
CA PRO A 3 -3.46 6.36 3.84
C PRO A 3 -2.56 5.39 4.63
N PRO A 4 -2.38 5.65 5.93
CA PRO A 4 -1.52 4.85 6.81
C PRO A 4 -1.83 3.35 6.80
N VAL A 5 -3.08 2.98 6.51
CA VAL A 5 -3.44 1.56 6.50
C VAL A 5 -2.83 0.87 5.30
N CYS A 6 -2.55 1.64 4.25
CA CYS A 6 -1.93 1.10 3.05
C CYS A 6 -0.42 0.91 3.24
N VAL A 7 0.18 1.82 4.01
CA VAL A 7 1.60 1.77 4.29
C VAL A 7 1.92 0.56 5.15
N ALA A 8 1.08 0.32 6.14
CA ALA A 8 1.25 -0.80 7.03
C ALA A 8 0.63 -2.10 6.48
N GLN A 9 -0.38 -1.98 5.60
CA GLN A 9 -1.03 -3.18 5.07
C GLN A 9 -1.49 -2.99 3.64
N CYS A 10 -1.21 -3.97 2.80
CA CYS A 10 -1.61 -3.92 1.40
C CYS A 10 -3.01 -4.48 1.25
N VAL A 11 -4.01 -3.71 1.69
CA VAL A 11 -5.39 -4.15 1.60
C VAL A 11 -5.94 -3.93 0.20
N PRO A 12 -7.08 -4.56 -0.12
CA PRO A 12 -7.68 -4.46 -1.46
C PRO A 12 -8.22 -3.08 -1.80
N THR A 13 -8.52 -2.28 -0.78
CA THR A 13 -9.03 -0.95 -1.01
C THR A 13 -7.93 0.02 -1.35
N CYS A 14 -6.71 -0.34 -0.98
CA CYS A 14 -5.56 0.49 -1.21
C CYS A 14 -5.14 0.57 -2.67
N PRO A 15 -4.66 1.76 -3.10
CA PRO A 15 -4.14 1.97 -4.45
C PRO A 15 -2.87 1.16 -4.63
N GLN A 16 -2.79 0.47 -5.74
CA GLN A 16 -1.67 -0.40 -6.05
C GLN A 16 -0.35 0.33 -5.99
N TYR A 17 -0.35 1.58 -6.40
CA TYR A 17 0.88 2.35 -6.41
C TYR A 17 1.35 2.71 -5.01
N CYS A 18 0.47 2.60 -4.02
CA CYS A 18 0.86 2.92 -2.66
C CYS A 18 1.31 1.67 -1.91
N CYS A 19 0.95 0.50 -2.41
CA CYS A 19 1.33 -0.75 -1.75
C CYS A 19 2.85 -0.91 -1.75
N PRO A 20 3.46 -1.11 -0.58
CA PRO A 20 4.92 -1.26 -0.50
C PRO A 20 5.38 -2.67 -0.87
N ALA A 21 5.77 -2.82 -2.12
CA ALA A 21 6.25 -4.10 -2.60
C ALA A 21 7.66 -4.35 -2.10
N LYS A 22 7.78 -5.35 -1.24
CA LYS A 22 9.07 -5.72 -0.65
C LYS A 22 10.09 -6.08 -1.74
N ARG A 23 10.69 -5.07 -2.36
CA ARG A 23 11.69 -5.29 -3.41
C ARG A 23 12.23 -3.97 -3.93
N LYS A 24 13.41 -4.02 -4.56
CA LYS A 24 14.05 -2.81 -5.12
C LYS A 24 15.44 -3.14 -5.64
N PRO A 1 -4.09 10.07 -2.63
CA PRO A 1 -3.03 9.99 -1.58
C PRO A 1 -3.12 8.67 -0.80
N CYS A 2 -1.98 8.19 -0.30
CA CYS A 2 -1.93 6.92 0.41
C CYS A 2 -2.20 7.05 1.91
N PRO A 3 -3.24 6.34 2.40
CA PRO A 3 -3.59 6.32 3.83
C PRO A 3 -2.67 5.38 4.62
N PRO A 4 -2.48 5.66 5.92
CA PRO A 4 -1.60 4.89 6.80
C PRO A 4 -1.88 3.39 6.81
N VAL A 5 -3.12 2.99 6.53
CA VAL A 5 -3.45 1.57 6.54
C VAL A 5 -2.83 0.87 5.34
N CYS A 6 -2.55 1.63 4.29
CA CYS A 6 -1.92 1.09 3.09
C CYS A 6 -0.42 0.92 3.30
N VAL A 7 0.17 1.86 4.03
CA VAL A 7 1.59 1.84 4.32
C VAL A 7 1.92 0.65 5.20
N ALA A 8 1.04 0.39 6.15
CA ALA A 8 1.21 -0.72 7.06
C ALA A 8 0.63 -2.02 6.50
N GLN A 9 -0.36 -1.95 5.61
CA GLN A 9 -0.96 -3.16 5.07
C GLN A 9 -1.41 -2.98 3.63
N CYS A 10 -1.16 -3.99 2.81
CA CYS A 10 -1.56 -3.95 1.41
C CYS A 10 -2.98 -4.51 1.27
N VAL A 11 -3.96 -3.77 1.77
CA VAL A 11 -5.35 -4.20 1.69
C VAL A 11 -5.89 -4.00 0.29
N PRO A 12 -7.05 -4.61 -0.03
CA PRO A 12 -7.66 -4.53 -1.36
C PRO A 12 -8.18 -3.15 -1.71
N THR A 13 -8.44 -2.33 -0.71
CA THR A 13 -8.95 -0.99 -0.96
C THR A 13 -7.83 -0.03 -1.32
N CYS A 14 -6.62 -0.41 -0.94
CA CYS A 14 -5.47 0.43 -1.17
C CYS A 14 -5.06 0.54 -2.64
N PRO A 15 -4.58 1.74 -3.04
CA PRO A 15 -4.08 1.98 -4.39
C PRO A 15 -2.81 1.18 -4.59
N GLN A 16 -2.73 0.50 -5.71
CA GLN A 16 -1.61 -0.37 -6.04
C GLN A 16 -0.29 0.36 -5.96
N TYR A 17 -0.29 1.62 -6.35
CA TYR A 17 0.94 2.39 -6.35
C TYR A 17 1.41 2.73 -4.95
N CYS A 18 0.53 2.60 -3.97
CA CYS A 18 0.93 2.91 -2.60
C CYS A 18 1.36 1.65 -1.85
N CYS A 19 0.98 0.48 -2.37
CA CYS A 19 1.35 -0.78 -1.72
C CYS A 19 2.86 -0.96 -1.71
N PRO A 20 3.47 -1.17 -0.54
CA PRO A 20 4.92 -1.35 -0.45
C PRO A 20 5.35 -2.76 -0.83
N ALA A 21 5.74 -2.92 -2.08
CA ALA A 21 6.19 -4.20 -2.60
C ALA A 21 7.60 -4.51 -2.13
N LYS A 22 7.71 -5.49 -1.26
CA LYS A 22 9.01 -5.90 -0.72
C LYS A 22 9.66 -7.00 -1.59
N ARG A 23 10.38 -6.59 -2.65
CA ARG A 23 11.03 -7.56 -3.54
C ARG A 23 11.83 -6.85 -4.62
N LYS A 24 12.76 -7.59 -5.23
CA LYS A 24 13.59 -7.05 -6.30
C LYS A 24 14.44 -8.15 -6.94
N PRO A 1 -3.99 9.96 -2.63
CA PRO A 1 -2.96 9.90 -1.55
C PRO A 1 -3.04 8.57 -0.78
N CYS A 2 -1.91 8.13 -0.23
CA CYS A 2 -1.87 6.85 0.47
C CYS A 2 -2.13 6.98 1.98
N PRO A 3 -3.18 6.30 2.48
CA PRO A 3 -3.51 6.27 3.91
C PRO A 3 -2.61 5.32 4.69
N PRO A 4 -2.43 5.58 6.00
CA PRO A 4 -1.55 4.78 6.86
C PRO A 4 -1.86 3.29 6.86
N VAL A 5 -3.11 2.91 6.58
CA VAL A 5 -3.46 1.49 6.56
C VAL A 5 -2.84 0.80 5.35
N CYS A 6 -2.55 1.57 4.31
CA CYS A 6 -1.93 1.04 3.12
C CYS A 6 -0.43 0.85 3.32
N VAL A 7 0.17 1.75 4.09
CA VAL A 7 1.59 1.71 4.37
C VAL A 7 1.91 0.48 5.21
N ALA A 8 1.07 0.23 6.19
CA ALA A 8 1.23 -0.90 7.07
C ALA A 8 0.60 -2.18 6.51
N GLN A 9 -0.41 -2.07 5.64
CA GLN A 9 -1.07 -3.25 5.10
C GLN A 9 -1.48 -3.06 3.65
N CYS A 10 -1.16 -4.03 2.81
CA CYS A 10 -1.53 -3.97 1.40
C CYS A 10 -2.94 -4.54 1.23
N VAL A 11 -3.94 -3.80 1.70
CA VAL A 11 -5.32 -4.24 1.60
C VAL A 11 -5.86 -3.99 0.20
N PRO A 12 -6.99 -4.62 -0.15
CA PRO A 12 -7.60 -4.51 -1.48
C PRO A 12 -8.14 -3.12 -1.78
N THR A 13 -8.44 -2.35 -0.76
CA THR A 13 -8.98 -1.01 -0.96
C THR A 13 -7.86 -0.04 -1.30
N CYS A 14 -6.65 -0.41 -0.93
CA CYS A 14 -5.50 0.44 -1.14
C CYS A 14 -5.10 0.56 -2.61
N PRO A 15 -4.63 1.75 -3.01
CA PRO A 15 -4.14 1.99 -4.36
C PRO A 15 -2.88 1.17 -4.58
N GLN A 16 -2.84 0.49 -5.71
CA GLN A 16 -1.73 -0.39 -6.03
C GLN A 16 -0.40 0.33 -5.97
N TYR A 17 -0.39 1.58 -6.36
CA TYR A 17 0.85 2.33 -6.37
C TYR A 17 1.35 2.68 -4.98
N CYS A 18 0.48 2.55 -3.97
CA CYS A 18 0.90 2.86 -2.62
C CYS A 18 1.34 1.60 -1.87
N CYS A 19 0.96 0.43 -2.38
CA CYS A 19 1.35 -0.82 -1.73
C CYS A 19 2.86 -0.97 -1.70
N PRO A 20 3.47 -1.14 -0.52
CA PRO A 20 4.92 -1.27 -0.42
C PRO A 20 5.41 -2.67 -0.75
N ALA A 21 5.82 -2.84 -1.99
CA ALA A 21 6.31 -4.12 -2.45
C ALA A 21 7.66 -4.43 -1.83
N LYS A 22 7.66 -5.41 -0.95
CA LYS A 22 8.88 -5.83 -0.24
C LYS A 22 9.90 -6.42 -1.23
N ARG A 23 10.66 -5.55 -1.91
CA ARG A 23 11.66 -6.02 -2.87
C ARG A 23 12.44 -4.85 -3.46
N LYS A 24 13.69 -5.13 -3.84
CA LYS A 24 14.56 -4.11 -4.43
C LYS A 24 15.94 -4.68 -4.71
N PRO A 1 -4.00 10.03 -2.58
CA PRO A 1 -2.91 9.95 -1.56
C PRO A 1 -2.98 8.64 -0.77
N CYS A 2 -1.83 8.16 -0.29
CA CYS A 2 -1.79 6.90 0.43
C CYS A 2 -2.06 7.04 1.93
N PRO A 3 -3.11 6.37 2.43
CA PRO A 3 -3.47 6.36 3.84
C PRO A 3 -2.58 5.39 4.64
N PRO A 4 -2.41 5.66 5.95
CA PRO A 4 -1.55 4.86 6.84
C PRO A 4 -1.87 3.36 6.83
N VAL A 5 -3.11 2.99 6.54
CA VAL A 5 -3.48 1.58 6.54
C VAL A 5 -2.86 0.87 5.33
N CYS A 6 -2.56 1.64 4.29
CA CYS A 6 -1.94 1.09 3.10
C CYS A 6 -0.44 0.90 3.31
N VAL A 7 0.17 1.81 4.07
CA VAL A 7 1.59 1.76 4.36
C VAL A 7 1.90 0.55 5.22
N ALA A 8 1.04 0.31 6.20
CA ALA A 8 1.20 -0.80 7.09
C ALA A 8 0.58 -2.10 6.54
N GLN A 9 -0.42 -1.99 5.66
CA GLN A 9 -1.07 -3.18 5.12
C GLN A 9 -1.48 -3.01 3.66
N CYS A 10 -1.19 -4.00 2.85
CA CYS A 10 -1.55 -3.95 1.45
C CYS A 10 -2.96 -4.52 1.28
N VAL A 11 -3.95 -3.77 1.74
CA VAL A 11 -5.34 -4.20 1.65
C VAL A 11 -5.88 -3.98 0.24
N PRO A 12 -7.01 -4.61 -0.08
CA PRO A 12 -7.62 -4.52 -1.42
C PRO A 12 -8.16 -3.13 -1.76
N THR A 13 -8.46 -2.34 -0.74
CA THR A 13 -8.98 -1.02 -0.96
C THR A 13 -7.88 -0.04 -1.31
N CYS A 14 -6.66 -0.40 -0.94
CA CYS A 14 -5.52 0.45 -1.16
C CYS A 14 -5.09 0.53 -2.62
N PRO A 15 -4.60 1.72 -3.05
CA PRO A 15 -4.09 1.93 -4.39
C PRO A 15 -2.82 1.12 -4.57
N GLN A 16 -2.75 0.43 -5.68
CA GLN A 16 -1.63 -0.44 -5.99
C GLN A 16 -0.29 0.27 -5.92
N TYR A 17 -0.29 1.53 -6.32
CA TYR A 17 0.94 2.30 -6.33
C TYR A 17 1.39 2.65 -4.93
N CYS A 18 0.52 2.55 -3.95
CA CYS A 18 0.92 2.87 -2.60
C CYS A 18 1.35 1.63 -1.83
N CYS A 19 0.99 0.46 -2.32
CA CYS A 19 1.37 -0.79 -1.66
C CYS A 19 2.89 -0.93 -1.65
N PRO A 20 3.50 -1.14 -0.47
CA PRO A 20 4.94 -1.27 -0.37
C PRO A 20 5.44 -2.63 -0.81
N ALA A 21 5.82 -2.71 -2.08
CA ALA A 21 6.34 -3.93 -2.66
C ALA A 21 7.85 -3.83 -2.83
N LYS A 22 8.56 -4.67 -2.10
CA LYS A 22 10.02 -4.68 -2.17
C LYS A 22 10.50 -5.19 -3.54
N ARG A 23 10.50 -4.31 -4.55
CA ARG A 23 10.93 -4.69 -5.89
C ARG A 23 10.82 -3.51 -6.86
N LYS A 24 11.69 -3.48 -7.86
CA LYS A 24 11.68 -2.40 -8.85
C LYS A 24 12.79 -2.60 -9.89
N PRO A 1 -4.11 10.11 -2.52
CA PRO A 1 -2.99 9.97 -1.55
C PRO A 1 -3.07 8.66 -0.76
N CYS A 2 -1.92 8.16 -0.33
CA CYS A 2 -1.87 6.89 0.38
C CYS A 2 -2.16 7.02 1.89
N PRO A 3 -3.20 6.33 2.36
CA PRO A 3 -3.56 6.30 3.79
C PRO A 3 -2.66 5.36 4.59
N PRO A 4 -2.50 5.63 5.90
CA PRO A 4 -1.63 4.85 6.79
C PRO A 4 -1.91 3.34 6.79
N VAL A 5 -3.15 2.95 6.49
CA VAL A 5 -3.48 1.53 6.48
C VAL A 5 -2.83 0.84 5.28
N CYS A 6 -2.54 1.62 4.25
CA CYS A 6 -1.89 1.08 3.06
C CYS A 6 -0.39 0.91 3.28
N VAL A 7 0.19 1.83 4.04
CA VAL A 7 1.61 1.81 4.35
C VAL A 7 1.93 0.61 5.22
N ALA A 8 1.08 0.37 6.19
CA ALA A 8 1.25 -0.74 7.09
C ALA A 8 0.64 -2.04 6.55
N GLN A 9 -0.35 -1.96 5.65
CA GLN A 9 -0.99 -3.16 5.14
C GLN A 9 -1.45 -2.98 3.69
N CYS A 10 -1.19 -3.98 2.87
CA CYS A 10 -1.59 -3.93 1.47
C CYS A 10 -3.00 -4.50 1.30
N VAL A 11 -4.01 -3.72 1.72
CA VAL A 11 -5.38 -4.16 1.61
C VAL A 11 -5.92 -3.92 0.20
N PRO A 12 -7.05 -4.54 -0.14
CA PRO A 12 -7.65 -4.43 -1.47
C PRO A 12 -8.17 -3.04 -1.79
N THR A 13 -8.46 -2.25 -0.76
CA THR A 13 -8.99 -0.91 -0.98
C THR A 13 -7.87 0.05 -1.33
N CYS A 14 -6.65 -0.33 -0.97
CA CYS A 14 -5.50 0.50 -1.20
C CYS A 14 -5.10 0.62 -2.67
N PRO A 15 -4.61 1.81 -3.07
CA PRO A 15 -4.12 2.03 -4.42
C PRO A 15 -2.86 1.21 -4.63
N GLN A 16 -2.81 0.54 -5.75
CA GLN A 16 -1.71 -0.35 -6.08
C GLN A 16 -0.37 0.35 -6.02
N TYR A 17 -0.35 1.61 -6.41
CA TYR A 17 0.89 2.35 -6.42
C TYR A 17 1.38 2.71 -5.02
N CYS A 18 0.51 2.59 -4.03
CA CYS A 18 0.93 2.90 -2.67
C CYS A 18 1.37 1.66 -1.92
N CYS A 19 0.99 0.48 -2.41
CA CYS A 19 1.36 -0.76 -1.74
C CYS A 19 2.87 -0.94 -1.74
N PRO A 20 3.50 -1.14 -0.57
CA PRO A 20 4.94 -1.30 -0.49
C PRO A 20 5.39 -2.71 -0.86
N ALA A 21 5.78 -2.88 -2.10
CA ALA A 21 6.24 -4.17 -2.61
C ALA A 21 7.70 -4.39 -2.29
N LYS A 22 7.97 -5.31 -1.39
CA LYS A 22 9.34 -5.62 -0.98
C LYS A 22 9.98 -6.70 -1.88
N ARG A 23 10.45 -6.31 -3.07
CA ARG A 23 11.08 -7.26 -3.99
C ARG A 23 11.48 -6.59 -5.30
N LYS A 24 12.25 -7.30 -6.13
CA LYS A 24 12.69 -6.78 -7.42
C LYS A 24 13.46 -7.83 -8.20
#